data_9GJ2
#
_entry.id   9GJ2
#
_cell.length_a   86.102
_cell.length_b   86.102
_cell.length_c   152.045
_cell.angle_alpha   90.000
_cell.angle_beta   90.000
_cell.angle_gamma   90.000
#
_symmetry.space_group_name_H-M   'P 41 2 2'
#
loop_
_entity.id
_entity.type
_entity.pdbx_description
1 polymer 'Cathepsin S'
2 non-polymer '~{tert}-butyl ~{N}-[1-[(2~{S})-3-cyclopropyl-1-oxidanylidene-1-[[(2~{S},3~{S})-3-oxidanyl-4-oxidanylidene-1-[(3~{S})-2-oxidanylidenepyrrolidin-3-yl]-4-[(phenylmethyl)amino]butan-2-yl]amino]propan-2-yl]-2-oxidanylidene-pyridin-3-yl]carbamate'
3 non-polymer 1,2-ETHANEDIOL
4 non-polymer 'DIMETHYL SULFOXIDE'
5 non-polymer 'CITRIC ACID'
6 water water
#
_entity_poly.entity_id   1
_entity_poly.type   'polypeptide(L)'
_entity_poly.pdbx_seq_one_letter_code
;ILPDSVDWREKGCVTEVKYQGSCGACWAFSAVGALEAQLKLKTGKLVSLSAQNLVDCSTEKYGNKGCNGGFMTTAFQYII
DNKGIDSDASYPYKAMDQKCQYDSKYRAATCSKYTELPYGREDVLKEAVANKGPVSVGVDARHPSFFLYRSGVYYEPSCT
QNVNHGVLVVGYGDLNGKEYWLVKNSWGHNFGEEGYIRMARNKGNHCGIASFPSYPEIAAAENLYFQSSSGVDLGTHHHH
HH
;
_entity_poly.pdbx_strand_id   A,B
#
loop_
_chem_comp.id
_chem_comp.type
_chem_comp.name
_chem_comp.formula
CIT non-polymer 'CITRIC ACID' 'C6 H8 O7'
DMS non-polymer 'DIMETHYL SULFOXIDE' 'C2 H6 O S'
EDO non-polymer 1,2-ETHANEDIOL 'C2 H6 O2'
KH0 non-polymer '~{tert}-butyl ~{N}-[1-[(2~{S})-3-cyclopropyl-1-oxidanylidene-1-[[(2~{S},3~{S})-3-oxidanyl-4-oxidanylidene-1-[(3~{S})-2-oxidanylidenepyrrolidin-3-yl]-4-[(phenylmethyl)amino]butan-2-yl]amino]propan-2-yl]-2-oxidanylidene-pyridin-3-yl]carbamate' 'C31 H41 N5 O7'
#
# COMPACT_ATOMS: atom_id res chain seq x y z
N ILE A 1 -13.08 -1.74 -25.69
CA ILE A 1 -13.43 -0.34 -25.48
C ILE A 1 -14.34 -0.21 -24.26
N LEU A 2 -14.00 0.72 -23.38
CA LEU A 2 -14.73 0.88 -22.13
C LEU A 2 -15.95 1.78 -22.35
N PRO A 3 -17.04 1.53 -21.61
CA PRO A 3 -18.20 2.41 -21.71
C PRO A 3 -17.84 3.84 -21.29
N ASP A 4 -18.55 4.81 -21.87
CA ASP A 4 -18.31 6.20 -21.49
C ASP A 4 -18.73 6.49 -20.06
N SER A 5 -19.74 5.79 -19.55
CA SER A 5 -20.23 5.98 -18.19
C SER A 5 -20.62 4.64 -17.60
N VAL A 6 -20.46 4.52 -16.28
CA VAL A 6 -20.80 3.32 -15.52
C VAL A 6 -21.41 3.77 -14.20
N ASP A 7 -22.45 3.07 -13.73
CA ASP A 7 -23.04 3.32 -12.41
C ASP A 7 -23.47 1.97 -11.85
N TRP A 8 -22.68 1.45 -10.89
CA TRP A 8 -22.96 0.15 -10.31
C TRP A 8 -24.28 0.11 -9.53
N ARG A 9 -24.82 1.28 -9.15
CA ARG A 9 -26.14 1.28 -8.52
C ARG A 9 -27.22 0.77 -9.47
N GLU A 10 -27.07 1.05 -10.77
CA GLU A 10 -28.03 0.54 -11.76
C GLU A 10 -27.97 -0.96 -11.89
N LYS A 11 -26.87 -1.58 -11.46
CA LYS A 11 -26.66 -3.01 -11.57
C LYS A 11 -26.99 -3.74 -10.27
N GLY A 12 -27.53 -3.03 -9.28
CA GLY A 12 -27.97 -3.66 -8.05
C GLY A 12 -26.85 -4.07 -7.13
N CYS A 13 -25.69 -3.43 -7.23
CA CYS A 13 -24.48 -3.87 -6.53
C CYS A 13 -24.05 -2.94 -5.41
N VAL A 14 -24.87 -1.96 -5.03
CA VAL A 14 -24.49 -0.94 -4.05
C VAL A 14 -25.59 -0.85 -2.98
N THR A 15 -25.20 -0.98 -1.72
CA THR A 15 -26.15 -0.91 -0.62
C THR A 15 -26.47 0.54 -0.25
N GLU A 16 -27.35 0.70 0.72
CA GLU A 16 -27.69 2.03 1.21
C GLU A 16 -26.44 2.70 1.78
N VAL A 17 -26.44 4.03 1.70
CA VAL A 17 -25.38 4.83 2.30
C VAL A 17 -25.43 4.69 3.82
N LYS A 18 -24.26 4.56 4.43
CA LYS A 18 -24.14 4.43 5.88
C LYS A 18 -23.64 5.73 6.50
N TYR A 19 -23.83 5.82 7.82
CA TYR A 19 -23.46 6.99 8.61
C TYR A 19 -22.44 6.56 9.65
N GLN A 20 -21.18 6.97 9.47
CA GLN A 20 -20.13 6.50 10.38
C GLN A 20 -20.11 7.26 11.71
N GLY A 21 -20.71 8.44 11.76
CA GLY A 21 -20.70 9.19 13.01
C GLY A 21 -19.29 9.60 13.41
N SER A 22 -19.07 9.63 14.73
CA SER A 22 -17.84 10.21 15.28
C SER A 22 -16.67 9.23 15.30
N CYS A 23 -16.84 8.03 14.76
CA CYS A 23 -15.80 7.01 14.72
C CYS A 23 -15.14 7.05 13.35
N GLY A 24 -13.80 7.11 13.34
CA GLY A 24 -13.05 7.22 12.09
C GLY A 24 -12.92 5.91 11.35
N ALA A 25 -14.07 5.36 10.95
CA ALA A 25 -14.17 4.04 10.33
C ALA A 25 -14.39 4.11 8.83
N CYS A 26 -14.06 5.24 8.19
CA CYS A 26 -14.25 5.35 6.75
C CYS A 26 -13.64 4.18 5.99
N TRP A 27 -12.44 3.75 6.41
CA TRP A 27 -11.73 2.64 5.77
C TRP A 27 -12.54 1.35 5.83
N ALA A 28 -13.23 1.11 6.94
CA ALA A 28 -14.04 -0.09 7.08
C ALA A 28 -15.26 -0.05 6.16
N PHE A 29 -15.91 1.11 6.07
CA PHE A 29 -17.04 1.23 5.15
C PHE A 29 -16.60 1.09 3.70
N SER A 30 -15.46 1.68 3.34
CA SER A 30 -14.94 1.51 1.99
C SER A 30 -14.72 0.04 1.66
N ALA A 31 -14.09 -0.70 2.58
CA ALA A 31 -13.79 -2.10 2.33
C ALA A 31 -15.06 -2.93 2.20
N VAL A 32 -16.01 -2.78 3.12
CA VAL A 32 -17.22 -3.59 3.01
C VAL A 32 -17.99 -3.25 1.75
N GLY A 33 -18.02 -1.98 1.37
CA GLY A 33 -18.75 -1.62 0.17
C GLY A 33 -18.20 -2.29 -1.08
N ALA A 34 -16.87 -2.36 -1.18
CA ALA A 34 -16.27 -3.06 -2.32
C ALA A 34 -16.64 -4.54 -2.30
N LEU A 35 -16.60 -5.16 -1.13
CA LEU A 35 -16.91 -6.59 -1.05
C LEU A 35 -18.39 -6.86 -1.28
N GLU A 36 -19.26 -5.94 -0.84
CA GLU A 36 -20.71 -6.10 -1.06
C GLU A 36 -21.01 -6.28 -2.55
N ALA A 37 -20.33 -5.52 -3.41
CA ALA A 37 -20.59 -5.67 -4.84
C ALA A 37 -20.15 -7.03 -5.35
N GLN A 38 -18.98 -7.51 -4.92
CA GLN A 38 -18.52 -8.83 -5.35
C GLN A 38 -19.46 -9.93 -4.86
N LEU A 39 -20.00 -9.77 -3.65
CA LEU A 39 -20.93 -10.76 -3.13
C LEU A 39 -22.20 -10.81 -3.98
N LYS A 40 -22.72 -9.65 -4.38
CA LYS A 40 -23.89 -9.62 -5.27
C LYS A 40 -23.58 -10.31 -6.59
N LEU A 41 -22.41 -10.01 -7.17
CA LEU A 41 -22.04 -10.62 -8.45
C LEU A 41 -21.95 -12.15 -8.34
N LYS A 42 -21.50 -12.65 -7.18
CA LYS A 42 -21.32 -14.10 -7.02
C LYS A 42 -22.63 -14.80 -6.70
N THR A 43 -23.44 -14.24 -5.79
CA THR A 43 -24.56 -14.97 -5.21
C THR A 43 -25.92 -14.44 -5.62
N GLY A 44 -25.99 -13.25 -6.20
CA GLY A 44 -27.26 -12.61 -6.47
C GLY A 44 -27.88 -11.88 -5.30
N LYS A 45 -27.22 -11.89 -4.13
CA LYS A 45 -27.75 -11.25 -2.94
C LYS A 45 -27.02 -9.94 -2.67
N LEU A 46 -27.79 -8.88 -2.45
CA LEU A 46 -27.25 -7.59 -2.01
C LEU A 46 -27.43 -7.50 -0.50
N VAL A 47 -26.32 -7.47 0.24
CA VAL A 47 -26.33 -7.57 1.70
C VAL A 47 -25.30 -6.59 2.24
N SER A 48 -25.70 -5.76 3.19
CA SER A 48 -24.72 -4.91 3.87
C SER A 48 -23.84 -5.76 4.78
N LEU A 49 -22.53 -5.57 4.68
CA LEU A 49 -21.57 -6.32 5.47
C LEU A 49 -21.10 -5.49 6.67
N SER A 50 -20.56 -6.17 7.67
CA SER A 50 -20.33 -5.55 8.97
C SER A 50 -19.06 -4.71 9.00
N ALA A 51 -19.20 -3.39 8.87
CA ALA A 51 -18.08 -2.49 9.13
C ALA A 51 -17.59 -2.62 10.57
N GLN A 52 -18.50 -2.87 11.52
CA GLN A 52 -18.10 -2.98 12.92
C GLN A 52 -17.16 -4.17 13.12
N ASN A 53 -17.44 -5.29 12.42
CA ASN A 53 -16.57 -6.47 12.45
C ASN A 53 -15.13 -6.08 12.10
N LEU A 54 -14.95 -5.21 11.11
CA LEU A 54 -13.60 -4.76 10.75
C LEU A 54 -13.01 -3.86 11.85
N VAL A 55 -13.80 -2.90 12.33
CA VAL A 55 -13.32 -2.00 13.38
C VAL A 55 -12.82 -2.80 14.59
N ASP A 56 -13.58 -3.81 15.00
CA ASP A 56 -13.31 -4.53 16.23
C ASP A 56 -12.26 -5.62 16.08
N CYS A 57 -12.13 -6.19 14.88
CA CYS A 57 -11.36 -7.41 14.69
C CYS A 57 -10.16 -7.26 13.78
N SER A 58 -10.21 -6.38 12.78
CA SER A 58 -9.05 -6.11 11.92
C SER A 58 -8.27 -4.98 12.57
N THR A 59 -7.50 -5.33 13.60
CA THR A 59 -6.93 -4.36 14.53
C THR A 59 -5.40 -4.38 14.44
N GLU A 60 -4.68 -4.52 15.55
CA GLU A 60 -3.24 -4.26 15.56
C GLU A 60 -2.49 -5.17 14.60
N LYS A 61 -2.90 -6.43 14.50
CA LYS A 61 -2.24 -7.38 13.59
C LYS A 61 -2.28 -6.90 12.16
N TYR A 62 -3.25 -6.06 11.82
CA TYR A 62 -3.47 -5.54 10.46
C TYR A 62 -3.04 -4.09 10.33
N GLY A 63 -2.37 -3.53 11.35
CA GLY A 63 -1.94 -2.15 11.30
C GLY A 63 -3.04 -1.14 11.43
N ASN A 64 -4.23 -1.57 11.85
CA ASN A 64 -5.40 -0.71 11.95
C ASN A 64 -5.66 -0.33 13.40
N LYS A 65 -6.38 0.78 13.57
CA LYS A 65 -6.62 1.38 14.88
C LYS A 65 -8.09 1.71 15.08
N GLY A 66 -8.98 0.93 14.46
CA GLY A 66 -10.40 1.06 14.74
C GLY A 66 -10.92 2.44 14.38
N CYS A 67 -11.55 3.11 15.35
CA CYS A 67 -12.07 4.45 15.14
C CYS A 67 -10.98 5.50 14.94
N ASN A 68 -9.71 5.12 15.07
CA ASN A 68 -8.61 6.03 14.79
C ASN A 68 -7.92 5.75 13.45
N GLY A 69 -8.55 4.95 12.59
CA GLY A 69 -8.07 4.81 11.23
C GLY A 69 -7.57 3.43 10.86
N GLY A 70 -7.48 3.17 9.57
CA GLY A 70 -7.05 1.86 9.09
C GLY A 70 -7.01 1.85 7.58
N PHE A 71 -6.72 0.67 7.04
CA PHE A 71 -6.48 0.48 5.61
C PHE A 71 -7.46 -0.51 5.02
N MET A 72 -7.96 -0.19 3.82
CA MET A 72 -8.86 -1.12 3.14
C MET A 72 -8.15 -2.41 2.76
N THR A 73 -6.90 -2.33 2.31
CA THR A 73 -6.18 -3.52 1.90
C THR A 73 -6.00 -4.49 3.05
N THR A 74 -5.59 -3.99 4.22
CA THR A 74 -5.37 -4.88 5.34
C THR A 74 -6.70 -5.39 5.90
N ALA A 75 -7.78 -4.62 5.75
CA ALA A 75 -9.11 -5.12 6.05
C ALA A 75 -9.46 -6.32 5.18
N PHE A 76 -9.22 -6.22 3.87
CA PHE A 76 -9.46 -7.37 3.00
C PHE A 76 -8.65 -8.57 3.48
N GLN A 77 -7.37 -8.37 3.80
CA GLN A 77 -6.54 -9.49 4.23
C GLN A 77 -7.08 -10.11 5.52
N TYR A 78 -7.59 -9.29 6.45
CA TYR A 78 -8.25 -9.86 7.63
C TYR A 78 -9.39 -10.79 7.22
N ILE A 79 -10.24 -10.36 6.28
CA ILE A 79 -11.36 -11.19 5.87
C ILE A 79 -10.87 -12.52 5.29
N ILE A 80 -9.80 -12.47 4.49
CA ILE A 80 -9.19 -13.69 3.96
C ILE A 80 -8.69 -14.57 5.10
N ASP A 81 -7.86 -14.00 5.98
CA ASP A 81 -7.26 -14.79 7.05
C ASP A 81 -8.33 -15.39 7.95
N ASN A 82 -9.38 -14.61 8.24
CA ASN A 82 -10.44 -14.98 9.16
C ASN A 82 -11.42 -15.96 8.55
N LYS A 83 -11.38 -16.15 7.23
CA LYS A 83 -12.31 -17.00 6.52
C LYS A 83 -13.74 -16.50 6.61
N GLY A 84 -13.93 -15.20 6.79
CA GLY A 84 -15.27 -14.65 6.73
C GLY A 84 -15.40 -13.28 7.32
N ILE A 85 -16.53 -12.65 7.00
CA ILE A 85 -16.99 -11.42 7.64
C ILE A 85 -18.49 -11.58 7.90
N ASP A 86 -18.96 -11.06 9.03
CA ASP A 86 -20.36 -11.18 9.39
C ASP A 86 -21.24 -10.16 8.64
N SER A 87 -22.53 -10.45 8.57
CA SER A 87 -23.49 -9.48 8.06
C SER A 87 -23.56 -8.26 8.98
N ASP A 88 -23.87 -7.10 8.39
CA ASP A 88 -24.20 -5.93 9.21
C ASP A 88 -25.39 -6.22 10.14
N ALA A 89 -26.38 -6.97 9.65
CA ALA A 89 -27.56 -7.28 10.46
C ALA A 89 -27.17 -7.98 11.76
N SER A 90 -26.25 -8.94 11.69
CA SER A 90 -25.85 -9.72 12.86
C SER A 90 -24.83 -9.00 13.72
N TYR A 91 -24.10 -8.04 13.16
CA TYR A 91 -22.98 -7.39 13.82
C TYR A 91 -23.07 -5.91 13.47
N PRO A 92 -24.08 -5.23 14.02
CA PRO A 92 -24.39 -3.87 13.56
C PRO A 92 -23.40 -2.84 14.06
N TYR A 93 -23.47 -1.66 13.44
CA TYR A 93 -22.46 -0.63 13.65
C TYR A 93 -22.78 0.20 14.88
N LYS A 94 -21.76 0.42 15.72
CA LYS A 94 -21.91 1.12 16.98
C LYS A 94 -21.07 2.38 17.07
N ALA A 95 -20.26 2.68 16.06
CA ALA A 95 -19.44 3.90 16.06
C ALA A 95 -18.54 3.99 17.28
N MET A 96 -17.97 2.86 17.68
CA MET A 96 -17.01 2.84 18.77
C MET A 96 -16.14 1.59 18.64
N ASP A 97 -14.99 1.62 19.30
CA ASP A 97 -14.10 0.46 19.35
C ASP A 97 -14.67 -0.54 20.34
N GLN A 98 -14.71 -1.82 19.94
CA GLN A 98 -15.21 -2.87 20.83
C GLN A 98 -14.32 -4.10 20.70
N LYS A 99 -14.42 -4.96 21.70
CA LYS A 99 -13.81 -6.28 21.63
C LYS A 99 -14.36 -7.02 20.42
N CYS A 100 -13.51 -7.81 19.76
CA CYS A 100 -13.94 -8.57 18.59
C CYS A 100 -15.04 -9.54 18.97
N GLN A 101 -16.14 -9.50 18.23
CA GLN A 101 -17.30 -10.35 18.46
C GLN A 101 -17.64 -11.20 17.23
N TYR A 102 -16.69 -11.39 16.32
CA TYR A 102 -16.95 -12.20 15.14
C TYR A 102 -17.43 -13.58 15.54
N ASP A 103 -18.44 -14.07 14.81
CA ASP A 103 -18.90 -15.45 14.97
C ASP A 103 -19.21 -15.97 13.58
N SER A 104 -18.62 -17.11 13.23
CA SER A 104 -18.82 -17.68 11.90
C SER A 104 -20.26 -18.06 11.63
N LYS A 105 -21.08 -18.25 12.68
CA LYS A 105 -22.49 -18.59 12.43
C LYS A 105 -23.24 -17.44 11.77
N TYR A 106 -22.68 -16.24 11.76
CA TYR A 106 -23.26 -15.09 11.10
C TYR A 106 -22.50 -14.67 9.85
N ARG A 107 -21.61 -15.52 9.34
CA ARG A 107 -20.82 -15.18 8.17
C ARG A 107 -21.73 -14.84 6.98
N ALA A 108 -21.46 -13.71 6.33
CA ALA A 108 -22.19 -13.33 5.13
C ALA A 108 -21.34 -13.29 3.87
N ALA A 109 -20.01 -13.24 4.00
CA ALA A 109 -19.15 -13.21 2.82
C ALA A 109 -17.79 -13.76 3.19
N THR A 110 -17.05 -14.14 2.16
CA THR A 110 -15.64 -14.47 2.24
C THR A 110 -14.89 -13.59 1.25
N CYS A 111 -13.57 -13.69 1.29
CA CYS A 111 -12.71 -12.99 0.35
C CYS A 111 -11.55 -13.92 0.03
N SER A 112 -11.20 -14.01 -1.25
CA SER A 112 -10.14 -14.89 -1.69
C SER A 112 -8.82 -14.18 -1.96
N LYS A 113 -8.87 -12.90 -2.31
CA LYS A 113 -7.70 -12.13 -2.70
C LYS A 113 -8.12 -10.68 -2.85
N TYR A 114 -7.13 -9.81 -2.95
CA TYR A 114 -7.38 -8.43 -3.32
C TYR A 114 -6.27 -7.95 -4.24
N THR A 115 -6.54 -6.86 -4.96
CA THR A 115 -5.62 -6.31 -5.94
C THR A 115 -5.46 -4.83 -5.68
N GLU A 116 -4.22 -4.37 -5.64
N GLU A 116 -4.22 -4.36 -5.61
CA GLU A 116 -3.91 -2.95 -5.52
CA GLU A 116 -3.90 -2.94 -5.50
C GLU A 116 -3.52 -2.44 -6.89
C GLU A 116 -3.50 -2.42 -6.87
N LEU A 117 -4.21 -1.40 -7.35
CA LEU A 117 -3.93 -0.83 -8.66
C LEU A 117 -2.68 0.03 -8.61
N PRO A 118 -2.01 0.22 -9.75
CA PRO A 118 -0.79 1.02 -9.77
C PRO A 118 -1.04 2.49 -9.50
N TYR A 119 -0.06 3.12 -8.85
CA TYR A 119 -0.21 4.47 -8.34
C TYR A 119 -0.52 5.48 -9.44
N GLY A 120 -1.62 6.21 -9.26
CA GLY A 120 -1.91 7.41 -10.02
C GLY A 120 -2.55 7.19 -11.37
N ARG A 121 -2.85 5.96 -11.74
CA ARG A 121 -3.26 5.64 -13.11
C ARG A 121 -4.78 5.64 -13.21
N GLU A 122 -5.34 6.75 -13.70
CA GLU A 122 -6.79 6.88 -13.76
C GLU A 122 -7.40 6.04 -14.87
N ASP A 123 -6.63 5.74 -15.92
CA ASP A 123 -7.11 4.83 -16.97
C ASP A 123 -7.24 3.41 -16.43
N VAL A 124 -6.28 2.96 -15.63
CA VAL A 124 -6.36 1.64 -15.02
C VAL A 124 -7.54 1.58 -14.04
N LEU A 125 -7.76 2.67 -13.28
CA LEU A 125 -8.92 2.72 -12.40
C LEU A 125 -10.21 2.64 -13.19
N LYS A 126 -10.30 3.36 -14.31
CA LYS A 126 -11.51 3.29 -15.14
C LYS A 126 -11.78 1.86 -15.59
N GLU A 127 -10.74 1.16 -16.04
CA GLU A 127 -10.90 -0.21 -16.50
C GLU A 127 -11.40 -1.12 -15.39
N ALA A 128 -10.87 -0.95 -14.17
CA ALA A 128 -11.32 -1.77 -13.05
C ALA A 128 -12.76 -1.48 -12.68
N VAL A 129 -13.15 -0.21 -12.66
CA VAL A 129 -14.54 0.12 -12.33
C VAL A 129 -15.47 -0.45 -13.39
N ALA A 130 -15.07 -0.39 -14.65
CA ALA A 130 -15.92 -0.91 -15.72
C ALA A 130 -16.01 -2.43 -15.68
N ASN A 131 -14.89 -3.12 -15.45
CA ASN A 131 -14.82 -4.55 -15.70
C ASN A 131 -14.81 -5.42 -14.45
N LYS A 132 -14.46 -4.87 -13.29
CA LYS A 132 -14.35 -5.66 -12.06
C LYS A 132 -15.42 -5.32 -11.04
N GLY A 133 -15.66 -4.03 -10.80
CA GLY A 133 -16.65 -3.61 -9.82
C GLY A 133 -16.21 -2.34 -9.13
N PRO A 134 -17.00 -1.90 -8.14
CA PRO A 134 -16.58 -0.77 -7.32
C PRO A 134 -15.20 -0.97 -6.72
N VAL A 135 -14.45 0.11 -6.59
CA VAL A 135 -13.06 0.08 -6.16
C VAL A 135 -12.90 0.95 -4.92
N SER A 136 -12.30 0.40 -3.88
CA SER A 136 -11.95 1.17 -2.69
C SER A 136 -10.81 2.13 -3.03
N VAL A 137 -10.94 3.38 -2.60
CA VAL A 137 -9.90 4.38 -2.83
C VAL A 137 -9.73 5.26 -1.60
N GLY A 138 -8.54 5.85 -1.49
CA GLY A 138 -8.33 6.97 -0.59
C GLY A 138 -8.38 8.29 -1.35
N VAL A 139 -8.92 9.31 -0.70
CA VAL A 139 -8.90 10.66 -1.24
C VAL A 139 -8.39 11.61 -0.17
N ASP A 140 -7.87 12.75 -0.62
CA ASP A 140 -7.58 13.87 0.26
C ASP A 140 -8.88 14.61 0.49
N ALA A 141 -9.48 14.42 1.68
CA ALA A 141 -10.71 15.07 2.07
C ALA A 141 -10.49 16.14 3.12
N ARG A 142 -9.24 16.55 3.35
CA ARG A 142 -8.93 17.46 4.44
C ARG A 142 -8.95 18.92 3.97
N HIS A 143 -10.10 19.31 3.44
CA HIS A 143 -10.34 20.66 2.95
C HIS A 143 -11.79 21.01 3.22
N PRO A 144 -12.06 22.24 3.67
CA PRO A 144 -13.45 22.62 3.95
C PRO A 144 -14.40 22.35 2.80
N SER A 145 -13.94 22.53 1.56
CA SER A 145 -14.83 22.34 0.41
C SER A 145 -15.40 20.93 0.35
N PHE A 146 -14.65 19.93 0.84
CA PHE A 146 -15.18 18.56 0.84
C PHE A 146 -16.37 18.44 1.79
N PHE A 147 -16.23 19.01 2.99
CA PHE A 147 -17.32 18.99 3.95
C PHE A 147 -18.52 19.79 3.46
N LEU A 148 -18.29 20.85 2.70
CA LEU A 148 -19.33 21.76 2.24
C LEU A 148 -19.93 21.34 0.90
N TYR A 149 -19.44 20.28 0.29
CA TYR A 149 -19.90 19.87 -1.03
C TYR A 149 -21.39 19.56 -1.02
N ARG A 150 -22.10 20.07 -2.02
CA ARG A 150 -23.52 19.79 -2.19
C ARG A 150 -23.86 19.09 -3.49
N SER A 151 -23.29 19.51 -4.63
CA SER A 151 -23.69 18.92 -5.90
C SER A 151 -22.68 19.26 -6.98
N GLY A 152 -22.76 18.53 -8.08
CA GLY A 152 -21.91 18.78 -9.23
C GLY A 152 -20.60 18.03 -9.16
N VAL A 153 -19.68 18.43 -10.04
CA VAL A 153 -18.35 17.82 -10.07
C VAL A 153 -17.43 18.60 -9.14
N TYR A 154 -16.92 17.92 -8.12
CA TYR A 154 -16.06 18.53 -7.11
C TYR A 154 -14.65 18.70 -7.65
N TYR A 155 -14.13 19.92 -7.56
CA TYR A 155 -12.74 20.24 -7.87
C TYR A 155 -12.23 21.21 -6.81
N GLU A 156 -11.10 20.87 -6.21
CA GLU A 156 -10.52 21.66 -5.12
C GLU A 156 -9.08 21.99 -5.51
N PRO A 157 -8.78 23.26 -5.84
CA PRO A 157 -7.42 23.58 -6.30
C PRO A 157 -6.34 23.26 -5.29
N SER A 158 -6.66 23.24 -4.01
CA SER A 158 -5.67 22.95 -2.97
C SER A 158 -5.56 21.48 -2.63
N CYS A 159 -6.27 20.61 -3.35
CA CYS A 159 -6.18 19.19 -3.07
C CYS A 159 -4.78 18.67 -3.36
N THR A 160 -4.38 17.63 -2.63
CA THR A 160 -3.08 16.98 -2.78
C THR A 160 -3.30 15.52 -3.17
N GLN A 161 -2.18 14.83 -3.42
CA GLN A 161 -2.22 13.40 -3.69
C GLN A 161 -2.01 12.56 -2.44
N ASN A 162 -1.86 13.18 -1.26
CA ASN A 162 -1.74 12.45 -0.01
C ASN A 162 -3.13 12.22 0.56
N VAL A 163 -3.53 10.98 0.64
CA VAL A 163 -4.92 10.63 0.91
C VAL A 163 -5.11 10.35 2.39
N ASN A 164 -6.32 10.59 2.85
CA ASN A 164 -6.62 10.47 4.26
C ASN A 164 -8.05 10.02 4.54
N HIS A 165 -8.84 9.68 3.52
CA HIS A 165 -10.25 9.35 3.70
C HIS A 165 -10.59 8.20 2.76
N GLY A 166 -11.05 7.08 3.31
CA GLY A 166 -11.40 5.94 2.49
C GLY A 166 -12.84 6.02 2.04
N VAL A 167 -13.05 5.85 0.73
CA VAL A 167 -14.36 5.94 0.08
C VAL A 167 -14.43 4.87 -1.01
N LEU A 168 -15.53 4.84 -1.75
CA LEU A 168 -15.78 3.76 -2.71
C LEU A 168 -16.17 4.36 -4.06
N VAL A 169 -15.40 4.06 -5.10
CA VAL A 169 -15.78 4.48 -6.45
C VAL A 169 -16.78 3.46 -7.00
N VAL A 170 -18.00 3.92 -7.26
CA VAL A 170 -19.07 3.05 -7.75
C VAL A 170 -19.44 3.35 -9.20
N GLY A 171 -18.70 4.24 -9.87
CA GLY A 171 -18.99 4.53 -11.25
C GLY A 171 -18.15 5.70 -11.75
N TYR A 172 -18.45 6.11 -12.97
CA TYR A 172 -17.79 7.26 -13.57
C TYR A 172 -18.67 7.76 -14.71
N GLY A 173 -18.42 8.99 -15.12
CA GLY A 173 -19.19 9.57 -16.19
C GLY A 173 -18.77 11.00 -16.46
N ASP A 174 -19.69 11.79 -17.00
CA ASP A 174 -19.40 13.19 -17.22
C ASP A 174 -20.68 13.99 -17.04
N LEU A 175 -20.51 15.21 -16.56
CA LEU A 175 -21.62 16.15 -16.39
C LEU A 175 -21.38 17.24 -17.43
N ASN A 176 -22.10 17.16 -18.54
CA ASN A 176 -21.94 18.10 -19.64
C ASN A 176 -20.49 18.20 -20.10
N GLY A 177 -19.82 17.04 -20.16
CA GLY A 177 -18.45 16.97 -20.59
C GLY A 177 -17.43 17.01 -19.47
N LYS A 178 -17.81 17.47 -18.28
CA LYS A 178 -16.88 17.50 -17.14
C LYS A 178 -16.83 16.11 -16.53
N GLU A 179 -15.68 15.45 -16.65
CA GLU A 179 -15.57 14.05 -16.27
C GLU A 179 -15.48 13.90 -14.75
N TYR A 180 -16.08 12.83 -14.25
CA TYR A 180 -16.08 12.60 -12.81
C TYR A 180 -15.98 11.11 -12.48
N TRP A 181 -15.60 10.87 -11.23
CA TRP A 181 -15.72 9.59 -10.54
C TRP A 181 -16.94 9.68 -9.62
N LEU A 182 -17.78 8.66 -9.62
CA LEU A 182 -18.95 8.62 -8.74
C LEU A 182 -18.53 7.91 -7.45
N VAL A 183 -18.54 8.65 -6.34
CA VAL A 183 -17.98 8.17 -5.08
C VAL A 183 -19.08 8.05 -4.03
N LYS A 184 -19.18 6.86 -3.43
CA LYS A 184 -20.02 6.60 -2.27
C LYS A 184 -19.24 6.95 -1.01
N ASN A 185 -19.77 7.87 -0.21
CA ASN A 185 -19.18 8.25 1.07
C ASN A 185 -19.91 7.50 2.19
N SER A 186 -19.45 7.67 3.43
CA SER A 186 -20.03 7.04 4.61
C SER A 186 -20.36 8.09 5.66
N TRP A 187 -20.82 9.26 5.20
CA TRP A 187 -21.22 10.36 6.07
C TRP A 187 -22.73 10.54 6.09
N GLY A 188 -23.48 9.49 5.78
CA GLY A 188 -24.92 9.52 5.82
C GLY A 188 -25.53 10.07 4.54
N HIS A 189 -26.86 9.94 4.47
CA HIS A 189 -27.57 10.27 3.24
C HIS A 189 -27.79 11.76 3.05
N ASN A 190 -27.38 12.60 4.00
CA ASN A 190 -27.50 14.05 3.82
C ASN A 190 -26.23 14.70 3.30
N PHE A 191 -25.10 14.00 3.28
CA PHE A 191 -23.88 14.56 2.71
C PHE A 191 -23.99 14.63 1.19
N GLY A 192 -23.61 15.76 0.61
CA GLY A 192 -23.45 15.81 -0.83
C GLY A 192 -24.72 15.45 -1.58
N GLU A 193 -24.56 14.64 -2.63
CA GLU A 193 -25.68 14.19 -3.46
C GLU A 193 -26.28 12.93 -2.83
N GLU A 194 -27.01 13.16 -1.75
CA GLU A 194 -27.66 12.09 -0.98
C GLU A 194 -26.70 10.94 -0.66
N GLY A 195 -25.51 11.33 -0.19
CA GLY A 195 -24.52 10.38 0.29
C GLY A 195 -23.35 10.19 -0.64
N TYR A 196 -23.42 10.74 -1.85
CA TYR A 196 -22.45 10.57 -2.92
C TYR A 196 -21.78 11.91 -3.23
N ILE A 197 -20.58 11.81 -3.79
CA ILE A 197 -19.87 12.97 -4.31
C ILE A 197 -19.27 12.59 -5.65
N ARG A 198 -19.45 13.45 -6.65
CA ARG A 198 -18.84 13.27 -7.95
C ARG A 198 -17.55 14.08 -7.96
N MET A 199 -16.42 13.40 -8.12
CA MET A 199 -15.10 14.01 -8.00
C MET A 199 -14.39 14.07 -9.35
N ALA A 200 -13.66 15.16 -9.60
CA ALA A 200 -13.05 15.38 -10.90
C ALA A 200 -12.20 14.19 -11.35
N ARG A 201 -12.39 13.78 -12.60
CA ARG A 201 -11.72 12.65 -13.22
C ARG A 201 -10.84 13.15 -14.37
N ASN A 202 -9.68 12.51 -14.52
CA ASN A 202 -8.71 12.89 -15.55
C ASN A 202 -8.25 14.33 -15.40
N LYS A 203 -8.12 14.76 -14.14
CA LYS A 203 -7.57 16.07 -13.80
C LYS A 203 -6.34 15.88 -12.93
N GLY A 204 -5.39 15.07 -13.42
CA GLY A 204 -4.12 14.92 -12.75
C GLY A 204 -4.19 14.23 -11.41
N ASN A 205 -4.95 13.13 -11.32
CA ASN A 205 -5.06 12.39 -10.07
C ASN A 205 -5.59 13.30 -8.96
N HIS A 206 -6.70 13.95 -9.25
CA HIS A 206 -7.21 15.00 -8.37
C HIS A 206 -7.59 14.42 -7.01
N CYS A 207 -7.09 15.07 -5.96
CA CYS A 207 -7.30 14.64 -4.58
C CYS A 207 -6.76 13.24 -4.31
N GLY A 208 -5.87 12.74 -5.17
CA GLY A 208 -5.30 11.43 -4.96
C GLY A 208 -6.23 10.26 -5.17
N ILE A 209 -7.32 10.46 -5.93
CA ILE A 209 -8.33 9.41 -6.06
C ILE A 209 -7.76 8.13 -6.63
N ALA A 210 -6.75 8.21 -7.51
CA ALA A 210 -6.13 7.03 -8.08
C ALA A 210 -4.81 6.69 -7.39
N SER A 211 -4.51 7.30 -6.25
CA SER A 211 -3.25 7.02 -5.58
C SER A 211 -3.20 5.59 -5.08
N PHE A 212 -4.22 5.15 -4.32
CA PHE A 212 -4.21 3.84 -3.67
C PHE A 212 -5.55 3.14 -3.82
N PRO A 213 -5.86 2.67 -5.03
CA PRO A 213 -7.11 1.92 -5.26
C PRO A 213 -6.90 0.43 -5.05
N SER A 214 -7.94 -0.23 -4.54
CA SER A 214 -7.89 -1.67 -4.40
C SER A 214 -9.29 -2.26 -4.50
N TYR A 215 -9.36 -3.53 -4.89
CA TYR A 215 -10.64 -4.21 -4.90
C TYR A 215 -10.45 -5.68 -4.51
N PRO A 216 -11.42 -6.27 -3.82
CA PRO A 216 -11.36 -7.67 -3.41
C PRO A 216 -12.06 -8.56 -4.42
N GLU A 217 -11.83 -9.85 -4.29
CA GLU A 217 -12.58 -10.84 -5.06
C GLU A 217 -12.99 -11.98 -4.13
N ILE A 218 -13.99 -12.73 -4.59
CA ILE A 218 -14.54 -13.86 -3.85
C ILE A 218 -14.39 -15.10 -4.71
N ALA A 219 -14.01 -16.21 -4.08
CA ALA A 219 -13.83 -17.46 -4.81
C ALA A 219 -15.17 -17.96 -5.34
N ALA A 220 -15.11 -18.62 -6.50
N ALA A 220 -15.10 -18.63 -6.49
CA ALA A 220 -16.29 -19.18 -7.12
CA ALA A 220 -16.30 -19.25 -7.08
C ALA A 220 -16.88 -20.31 -6.29
C ALA A 220 -16.73 -20.45 -6.24
N LEU B 2 10.99 -24.17 -2.34
CA LEU B 2 11.85 -23.00 -2.21
C LEU B 2 13.14 -23.39 -1.51
N PRO B 3 14.24 -22.70 -1.82
CA PRO B 3 15.49 -22.92 -1.08
C PRO B 3 15.28 -22.63 0.40
N ASP B 4 15.99 -23.40 1.24
CA ASP B 4 15.91 -23.16 2.68
C ASP B 4 16.53 -21.83 3.08
N SER B 5 17.50 -21.34 2.30
CA SER B 5 18.11 -20.05 2.58
C SER B 5 18.48 -19.36 1.27
N VAL B 6 18.49 -18.03 1.30
CA VAL B 6 18.83 -17.19 0.16
C VAL B 6 19.65 -16.02 0.70
N ASP B 7 20.68 -15.62 -0.05
CA ASP B 7 21.45 -14.42 0.28
C ASP B 7 21.87 -13.77 -1.04
N TRP B 8 21.16 -12.70 -1.44
CA TRP B 8 21.43 -12.08 -2.73
C TRP B 8 22.80 -11.41 -2.79
N ARG B 9 23.45 -11.16 -1.65
CA ARG B 9 24.83 -10.70 -1.70
C ARG B 9 25.73 -11.72 -2.39
N GLU B 10 25.43 -13.02 -2.22
CA GLU B 10 26.25 -14.06 -2.84
C GLU B 10 26.16 -14.06 -4.35
N LYS B 11 25.08 -13.52 -4.92
CA LYS B 11 24.90 -13.40 -6.35
C LYS B 11 25.36 -12.03 -6.88
N GLY B 12 25.98 -11.22 -6.04
CA GLY B 12 26.46 -9.93 -6.49
C GLY B 12 25.38 -8.94 -6.82
N CYS B 13 24.19 -9.08 -6.20
CA CYS B 13 23.04 -8.25 -6.53
C CYS B 13 22.77 -7.14 -5.52
N VAL B 14 23.66 -6.93 -4.55
CA VAL B 14 23.42 -5.97 -3.47
C VAL B 14 24.61 -5.01 -3.40
N THR B 15 24.33 -3.72 -3.51
CA THR B 15 25.39 -2.71 -3.43
C THR B 15 25.80 -2.50 -1.97
N GLU B 16 26.87 -1.74 -1.78
CA GLU B 16 27.32 -1.52 -0.42
C GLU B 16 26.28 -0.73 0.37
N VAL B 17 26.31 -0.95 1.69
CA VAL B 17 25.42 -0.23 2.60
C VAL B 17 25.67 1.26 2.51
N LYS B 18 24.60 2.04 2.56
CA LYS B 18 24.61 3.48 2.51
C LYS B 18 24.30 4.06 3.89
N TYR B 19 24.61 5.35 4.06
CA TYR B 19 24.38 6.09 5.30
C TYR B 19 23.46 7.26 4.99
N GLN B 20 22.22 7.21 5.48
CA GLN B 20 21.26 8.25 5.13
C GLN B 20 21.41 9.54 5.93
N GLY B 21 22.13 9.49 7.06
CA GLY B 21 22.26 10.71 7.84
C GLY B 21 20.94 11.14 8.47
N SER B 22 20.80 12.45 8.66
CA SER B 22 19.62 12.98 9.34
C SER B 22 18.42 13.20 8.43
N CYS B 23 18.53 12.87 7.15
CA CYS B 23 17.44 13.02 6.19
C CYS B 23 16.60 11.74 6.20
N GLY B 24 15.27 11.91 6.32
CA GLY B 24 14.35 10.78 6.33
C GLY B 24 14.10 10.13 4.99
N ALA B 25 15.17 9.59 4.39
CA ALA B 25 15.14 9.05 3.04
C ALA B 25 15.21 7.54 3.01
N CYS B 26 14.85 6.87 4.12
CA CYS B 26 14.91 5.42 4.16
C CYS B 26 14.14 4.80 3.00
N TRP B 27 12.97 5.36 2.69
CA TRP B 27 12.13 4.86 1.60
C TRP B 27 12.87 4.91 0.26
N ALA B 28 13.67 5.96 0.05
CA ALA B 28 14.42 6.08 -1.20
C ALA B 28 15.52 5.05 -1.28
N PHE B 29 16.24 4.82 -0.17
CA PHE B 29 17.25 3.78 -0.17
C PHE B 29 16.65 2.40 -0.37
N SER B 30 15.52 2.13 0.28
CA SER B 30 14.85 0.84 0.09
C SER B 30 14.49 0.64 -1.38
N ALA B 31 13.92 1.66 -2.01
CA ALA B 31 13.49 1.54 -3.40
C ALA B 31 14.67 1.33 -4.34
N VAL B 32 15.74 2.15 -4.22
CA VAL B 32 16.86 1.96 -5.13
C VAL B 32 17.52 0.61 -4.91
N GLY B 33 17.58 0.14 -3.67
CA GLY B 33 18.19 -1.17 -3.42
C GLY B 33 17.47 -2.28 -4.14
N ALA B 34 16.14 -2.26 -4.13
CA ALA B 34 15.39 -3.28 -4.86
C ALA B 34 15.66 -3.20 -6.35
N LEU B 35 15.71 -1.98 -6.90
CA LEU B 35 15.91 -1.83 -8.33
C LEU B 35 17.34 -2.20 -8.73
N GLU B 36 18.32 -1.92 -7.86
CA GLU B 36 19.72 -2.27 -8.14
C GLU B 36 19.85 -3.76 -8.43
N ALA B 37 19.15 -4.60 -7.67
CA ALA B 37 19.24 -6.04 -7.91
C ALA B 37 18.65 -6.42 -9.27
N GLN B 38 17.50 -5.85 -9.62
CA GLN B 38 16.90 -6.14 -10.92
C GLN B 38 17.81 -5.69 -12.05
N LEU B 39 18.51 -4.55 -11.86
CA LEU B 39 19.43 -4.07 -12.88
C LEU B 39 20.60 -5.04 -13.07
N LYS B 40 21.16 -5.54 -11.96
CA LYS B 40 22.22 -6.55 -12.06
C LYS B 40 21.72 -7.81 -12.77
N LEU B 41 20.52 -8.26 -12.43
CA LEU B 41 19.98 -9.46 -13.08
C LEU B 41 19.80 -9.26 -14.57
N LYS B 42 19.44 -8.05 -15.01
CA LYS B 42 19.23 -7.79 -16.43
C LYS B 42 20.54 -7.59 -17.19
N THR B 43 21.44 -6.76 -16.67
CA THR B 43 22.61 -6.32 -17.41
C THR B 43 23.91 -6.99 -16.99
N GLY B 44 23.92 -7.69 -15.87
CA GLY B 44 25.15 -8.24 -15.33
C GLY B 44 26.02 -7.25 -14.59
N LYS B 45 25.60 -5.99 -14.47
CA LYS B 45 26.40 -4.95 -13.85
C LYS B 45 25.74 -4.44 -12.57
N LEU B 46 26.52 -4.31 -11.52
CA LEU B 46 26.04 -3.80 -10.25
C LEU B 46 26.38 -2.31 -10.16
N VAL B 47 25.36 -1.48 -10.00
CA VAL B 47 25.47 -0.03 -10.04
C VAL B 47 24.56 0.55 -8.96
N SER B 48 25.12 1.33 -8.03
CA SER B 48 24.28 2.03 -7.07
C SER B 48 23.47 3.10 -7.79
N LEU B 49 22.18 3.16 -7.46
CA LEU B 49 21.25 4.11 -8.08
C LEU B 49 20.97 5.26 -7.11
N SER B 50 20.49 6.38 -7.67
CA SER B 50 20.48 7.65 -6.94
C SER B 50 19.27 7.78 -6.01
N ALA B 51 19.49 7.56 -4.71
CA ALA B 51 18.46 7.90 -3.73
C ALA B 51 18.13 9.38 -3.74
N GLN B 52 19.13 10.24 -4.00
CA GLN B 52 18.88 11.67 -4.04
C GLN B 52 17.90 12.04 -5.15
N ASN B 53 18.01 11.37 -6.30
CA ASN B 53 17.09 11.60 -7.42
C ASN B 53 15.65 11.37 -6.96
N LEU B 54 15.41 10.33 -6.15
CA LEU B 54 14.06 10.12 -5.62
C LEU B 54 13.66 11.22 -4.63
N VAL B 55 14.56 11.56 -3.70
CA VAL B 55 14.26 12.60 -2.72
C VAL B 55 13.85 13.90 -3.40
N ASP B 56 14.60 14.30 -4.44
CA ASP B 56 14.40 15.60 -5.06
C ASP B 56 13.27 15.60 -6.09
N CYS B 57 12.96 14.45 -6.70
CA CYS B 57 12.11 14.41 -7.88
C CYS B 57 10.82 13.64 -7.70
N SER B 58 10.81 12.58 -6.89
CA SER B 58 9.59 11.83 -6.59
C SER B 58 8.95 12.49 -5.37
N THR B 59 8.26 13.61 -5.62
CA THR B 59 7.81 14.49 -4.54
C THR B 59 6.28 14.50 -4.42
N GLU B 60 5.66 15.69 -4.44
CA GLU B 60 4.25 15.81 -4.08
C GLU B 60 3.34 14.98 -4.99
N LYS B 61 3.65 14.92 -6.28
CA LYS B 61 2.82 14.14 -7.20
C LYS B 61 2.76 12.68 -6.76
N TYR B 62 3.78 12.21 -6.06
CA TYR B 62 3.89 10.83 -5.61
C TYR B 62 3.58 10.66 -4.13
N GLY B 63 3.07 11.71 -3.48
CA GLY B 63 2.75 11.63 -2.07
C GLY B 63 3.96 11.60 -1.16
N ASN B 64 5.14 11.92 -1.69
CA ASN B 64 6.39 11.84 -0.93
C ASN B 64 6.83 13.23 -0.48
N LYS B 65 7.67 13.25 0.57
CA LYS B 65 8.07 14.48 1.23
C LYS B 65 9.58 14.52 1.47
N GLY B 66 10.34 13.89 0.58
CA GLY B 66 11.79 14.04 0.63
C GLY B 66 12.37 13.55 1.94
N CYS B 67 13.13 14.43 2.61
CA CYS B 67 13.72 14.09 3.90
C CYS B 67 12.70 13.95 5.01
N ASN B 68 11.40 14.15 4.72
CA ASN B 68 10.36 13.92 5.70
C ASN B 68 9.49 12.72 5.35
N GLY B 69 9.97 11.82 4.50
CA GLY B 69 9.36 10.52 4.36
C GLY B 69 8.72 10.32 2.99
N GLY B 70 8.41 9.07 2.69
CA GLY B 70 7.84 8.71 1.40
C GLY B 70 7.62 7.22 1.30
N PHE B 71 7.18 6.78 0.12
CA PHE B 71 6.76 5.42 -0.14
C PHE B 71 7.62 4.77 -1.20
N MET B 72 7.99 3.50 -0.98
CA MET B 72 8.74 2.78 -2.00
C MET B 72 7.92 2.58 -3.28
N THR B 73 6.64 2.22 -3.13
CA THR B 73 5.81 1.95 -4.31
C THR B 73 5.69 3.18 -5.20
N THR B 74 5.46 4.36 -4.60
CA THR B 74 5.28 5.54 -5.43
C THR B 74 6.61 6.02 -6.00
N ALA B 75 7.72 5.72 -5.31
CA ALA B 75 9.04 5.92 -5.89
C ALA B 75 9.20 5.08 -7.16
N PHE B 76 8.79 3.80 -7.11
CA PHE B 76 8.87 2.99 -8.33
C PHE B 76 8.02 3.60 -9.44
N GLN B 77 6.81 4.07 -9.12
CA GLN B 77 5.96 4.66 -10.14
C GLN B 77 6.62 5.90 -10.74
N TYR B 78 7.30 6.71 -9.93
CA TYR B 78 8.04 7.84 -10.47
C TYR B 78 9.07 7.39 -11.50
N ILE B 79 9.82 6.33 -11.17
CA ILE B 79 10.84 5.86 -12.11
C ILE B 79 10.19 5.43 -13.42
N ILE B 80 9.04 4.74 -13.33
CA ILE B 80 8.29 4.37 -14.53
C ILE B 80 7.89 5.60 -15.32
N ASP B 81 7.20 6.54 -14.66
CA ASP B 81 6.68 7.73 -15.33
C ASP B 81 7.81 8.55 -15.93
N ASN B 82 8.93 8.67 -15.21
CA ASN B 82 10.06 9.49 -15.62
C ASN B 82 10.90 8.84 -16.71
N LYS B 83 10.69 7.55 -16.97
CA LYS B 83 11.47 6.78 -17.92
C LYS B 83 12.94 6.64 -17.51
N GLY B 84 13.23 6.74 -16.22
CA GLY B 84 14.58 6.43 -15.77
C GLY B 84 14.88 6.98 -14.39
N ILE B 85 16.02 6.52 -13.88
CA ILE B 85 16.64 7.03 -12.65
C ILE B 85 18.13 7.12 -12.91
N ASP B 86 18.77 8.16 -12.35
CA ASP B 86 20.20 8.37 -12.54
C ASP B 86 21.01 7.49 -11.60
N SER B 87 22.29 7.31 -11.95
CA SER B 87 23.19 6.59 -11.06
C SER B 87 23.50 7.42 -9.82
N ASP B 88 23.85 6.74 -8.74
CA ASP B 88 24.32 7.42 -7.53
C ASP B 88 25.57 8.25 -7.81
N ALA B 89 26.49 7.73 -8.64
CA ALA B 89 27.70 8.48 -8.95
C ALA B 89 27.40 9.80 -9.64
N SER B 90 26.38 9.83 -10.51
CA SER B 90 26.05 11.03 -11.26
C SER B 90 25.20 12.01 -10.46
N TYR B 91 24.50 11.55 -9.44
CA TYR B 91 23.50 12.34 -8.73
C TYR B 91 23.65 11.97 -7.27
N PRO B 92 24.71 12.46 -6.63
CA PRO B 92 25.10 11.92 -5.32
C PRO B 92 24.19 12.37 -4.18
N TYR B 93 24.27 11.62 -3.08
CA TYR B 93 23.37 11.81 -1.96
C TYR B 93 23.90 12.87 -1.00
N LYS B 94 23.05 13.84 -0.68
CA LYS B 94 23.41 14.99 0.12
C LYS B 94 22.64 15.09 1.42
N ALA B 95 21.70 14.18 1.67
CA ALA B 95 20.95 14.18 2.92
C ALA B 95 20.21 15.50 3.14
N MET B 96 19.64 16.05 2.07
CA MET B 96 18.83 17.25 2.18
C MET B 96 17.89 17.31 0.97
N ASP B 97 16.85 18.11 1.10
CA ASP B 97 15.92 18.33 -0.01
C ASP B 97 16.56 19.31 -0.98
N GLN B 98 16.53 18.97 -2.28
CA GLN B 98 17.10 19.81 -3.32
C GLN B 98 16.13 19.91 -4.49
N LYS B 99 16.39 20.86 -5.39
CA LYS B 99 15.61 20.89 -6.61
C LYS B 99 15.90 19.66 -7.45
N CYS B 100 14.91 19.24 -8.23
CA CYS B 100 15.07 18.07 -9.07
C CYS B 100 16.09 18.34 -10.16
N GLN B 101 17.11 17.48 -10.24
CA GLN B 101 18.20 17.63 -11.19
C GLN B 101 18.36 16.41 -12.09
N TYR B 102 17.30 15.62 -12.25
CA TYR B 102 17.37 14.45 -13.11
C TYR B 102 17.80 14.85 -14.52
N ASP B 103 18.67 14.03 -15.11
CA ASP B 103 19.12 14.20 -16.48
C ASP B 103 19.23 12.82 -17.10
N SER B 104 18.57 12.62 -18.25
CA SER B 104 18.59 11.31 -18.90
C SER B 104 19.99 10.90 -19.34
N LYS B 105 20.90 11.87 -19.53
CA LYS B 105 22.29 11.56 -19.90
C LYS B 105 22.99 10.72 -18.84
N TYR B 106 22.48 10.73 -17.61
CA TYR B 106 23.05 9.98 -16.49
C TYR B 106 22.18 8.80 -16.07
N ARG B 107 21.18 8.46 -16.89
CA ARG B 107 20.29 7.36 -16.55
C ARG B 107 21.05 6.05 -16.44
N ALA B 108 20.80 5.30 -15.37
CA ALA B 108 21.42 4.00 -15.17
C ALA B 108 20.42 2.87 -15.04
N ALA B 109 19.13 3.16 -14.90
CA ALA B 109 18.12 2.11 -14.84
C ALA B 109 16.78 2.67 -15.27
N THR B 110 15.90 1.76 -15.66
CA THR B 110 14.49 2.03 -15.88
C THR B 110 13.67 1.06 -15.02
N CYS B 111 12.36 1.25 -15.03
CA CYS B 111 11.43 0.37 -14.32
C CYS B 111 10.19 0.25 -15.17
N SER B 112 9.68 -0.98 -15.31
CA SER B 112 8.52 -1.26 -16.13
C SER B 112 7.24 -1.43 -15.33
N LYS B 113 7.34 -1.85 -14.08
CA LYS B 113 6.19 -2.18 -13.25
C LYS B 113 6.71 -2.46 -11.84
N TYR B 114 5.78 -2.53 -10.90
CA TYR B 114 6.10 -3.00 -9.56
C TYR B 114 4.93 -3.82 -9.05
N THR B 115 5.20 -4.60 -8.00
CA THR B 115 4.23 -5.52 -7.42
C THR B 115 4.23 -5.34 -5.91
N GLU B 116 3.03 -5.23 -5.34
N GLU B 116 3.04 -5.18 -5.33
CA GLU B 116 2.86 -5.20 -3.89
CA GLU B 116 2.87 -5.17 -3.88
C GLU B 116 2.37 -6.57 -3.43
C GLU B 116 2.38 -6.54 -3.45
N LEU B 117 3.07 -7.16 -2.48
CA LEU B 117 2.70 -8.47 -1.99
C LEU B 117 1.55 -8.37 -1.00
N PRO B 118 0.77 -9.45 -0.84
CA PRO B 118 -0.36 -9.42 0.10
C PRO B 118 0.09 -9.24 1.54
N TYR B 119 -0.76 -8.57 2.31
CA TYR B 119 -0.41 -8.13 3.66
C TYR B 119 -0.08 -9.30 4.58
N GLY B 120 1.09 -9.25 5.20
CA GLY B 120 1.44 -10.11 6.32
C GLY B 120 1.79 -11.54 5.99
N ARG B 121 1.94 -11.88 4.71
N ARG B 121 1.95 -11.89 4.71
CA ARG B 121 2.13 -13.27 4.28
CA ARG B 121 2.12 -13.27 4.30
C ARG B 121 3.63 -13.55 4.15
C ARG B 121 3.61 -13.57 4.14
N GLU B 122 4.20 -14.18 5.17
CA GLU B 122 5.64 -14.41 5.18
C GLU B 122 6.05 -15.49 4.19
N ASP B 123 5.18 -16.44 3.86
N ASP B 123 5.14 -16.43 3.88
CA ASP B 123 5.57 -17.42 2.84
CA ASP B 123 5.39 -17.45 2.88
C ASP B 123 5.52 -16.82 1.44
C ASP B 123 5.49 -16.83 1.48
N VAL B 124 4.60 -15.88 1.20
CA VAL B 124 4.62 -15.19 -0.10
C VAL B 124 5.87 -14.32 -0.22
N LEU B 125 6.26 -13.66 0.88
CA LEU B 125 7.51 -12.89 0.88
C LEU B 125 8.71 -13.78 0.62
N LYS B 126 8.74 -14.97 1.25
CA LYS B 126 9.82 -15.92 1.01
C LYS B 126 9.90 -16.29 -0.47
N GLU B 127 8.75 -16.58 -1.07
CA GLU B 127 8.73 -16.94 -2.49
C GLU B 127 9.28 -15.81 -3.36
N ALA B 128 8.90 -14.57 -3.07
CA ALA B 128 9.38 -13.44 -3.87
C ALA B 128 10.88 -13.23 -3.69
N VAL B 129 11.38 -13.33 -2.45
CA VAL B 129 12.82 -13.18 -2.24
C VAL B 129 13.58 -14.27 -2.99
N ALA B 130 13.06 -15.50 -3.01
CA ALA B 130 13.74 -16.59 -3.69
C ALA B 130 13.68 -16.44 -5.21
N ASN B 131 12.51 -16.08 -5.75
CA ASN B 131 12.27 -16.19 -7.18
C ASN B 131 12.36 -14.87 -7.94
N LYS B 132 12.26 -13.73 -7.25
CA LYS B 132 12.28 -12.44 -7.92
C LYS B 132 13.51 -11.62 -7.57
N GLY B 133 13.85 -11.52 -6.29
CA GLY B 133 14.99 -10.75 -5.86
C GLY B 133 14.70 -10.06 -4.54
N PRO B 134 15.61 -9.20 -4.10
CA PRO B 134 15.37 -8.41 -2.88
C PRO B 134 14.05 -7.65 -2.96
N VAL B 135 13.40 -7.52 -1.81
CA VAL B 135 12.06 -6.95 -1.69
C VAL B 135 12.11 -5.77 -0.72
N SER B 136 11.58 -4.62 -1.16
CA SER B 136 11.42 -3.47 -0.28
C SER B 136 10.33 -3.74 0.74
N VAL B 137 10.59 -3.40 2.00
CA VAL B 137 9.62 -3.60 3.08
C VAL B 137 9.67 -2.44 4.05
N GLY B 138 8.60 -2.32 4.84
CA GLY B 138 8.60 -1.48 6.03
C GLY B 138 8.71 -2.33 7.27
N VAL B 139 9.42 -1.82 8.28
CA VAL B 139 9.48 -2.46 9.59
C VAL B 139 9.20 -1.43 10.67
N ASP B 140 8.76 -1.93 11.83
CA ASP B 140 8.68 -1.13 13.04
C ASP B 140 10.08 -1.10 13.65
N ALA B 141 10.78 0.02 13.44
CA ALA B 141 12.13 0.22 13.96
C ALA B 141 12.18 1.23 15.09
N ARG B 142 11.05 1.47 15.77
CA ARG B 142 10.97 2.53 16.76
CA ARG B 142 10.92 2.51 16.77
C ARG B 142 11.53 2.13 18.12
N HIS B 143 11.79 0.86 18.35
CA HIS B 143 12.09 0.45 19.71
C HIS B 143 13.58 0.56 20.02
N PRO B 144 13.93 1.01 21.23
CA PRO B 144 15.36 1.21 21.54
C PRO B 144 16.25 0.03 21.21
N SER B 145 15.75 -1.19 21.32
CA SER B 145 16.57 -2.36 21.01
C SER B 145 17.01 -2.40 19.56
N PHE B 146 16.21 -1.84 18.64
CA PHE B 146 16.59 -1.88 17.23
C PHE B 146 17.91 -1.15 17.01
N PHE B 147 18.05 0.04 17.61
CA PHE B 147 19.24 0.85 17.39
C PHE B 147 20.48 0.17 17.95
N LEU B 148 20.31 -0.69 18.96
CA LEU B 148 21.41 -1.32 19.67
C LEU B 148 21.70 -2.73 19.18
N TYR B 149 20.99 -3.20 18.16
CA TYR B 149 21.22 -4.55 17.65
C TYR B 149 22.65 -4.74 17.17
N ARG B 150 23.25 -5.87 17.55
CA ARG B 150 24.62 -6.21 17.16
C ARG B 150 24.76 -7.52 16.43
N SER B 151 24.03 -8.56 16.83
CA SER B 151 24.27 -9.89 16.29
C SER B 151 23.08 -10.78 16.62
N GLY B 152 23.11 -11.99 16.08
CA GLY B 152 22.02 -12.92 16.30
C GLY B 152 20.79 -12.56 15.47
N VAL B 153 19.64 -13.05 15.93
CA VAL B 153 18.36 -12.81 15.27
C VAL B 153 17.54 -11.90 16.17
N TYR B 154 17.15 -10.74 15.64
CA TYR B 154 16.42 -9.74 16.39
C TYR B 154 14.98 -10.19 16.64
N TYR B 155 14.61 -10.25 17.92
CA TYR B 155 13.24 -10.51 18.33
C TYR B 155 12.94 -9.56 19.48
N GLU B 156 11.92 -8.73 19.31
CA GLU B 156 11.59 -7.69 20.28
C GLU B 156 10.12 -7.86 20.66
N PRO B 157 9.82 -8.33 21.88
CA PRO B 157 8.41 -8.51 22.26
C PRO B 157 7.57 -7.25 22.12
N SER B 158 8.15 -6.07 22.22
CA SER B 158 7.39 -4.84 22.10
C SER B 158 7.14 -4.43 20.66
N CYS B 159 7.66 -5.17 19.69
CA CYS B 159 7.45 -4.77 18.30
C CYS B 159 5.98 -4.87 17.92
N THR B 160 5.59 -4.08 16.92
CA THR B 160 4.23 -4.05 16.41
C THR B 160 4.26 -4.19 14.90
N GLN B 161 3.06 -4.28 14.33
CA GLN B 161 2.91 -4.26 12.88
C GLN B 161 2.69 -2.86 12.33
N ASN B 162 2.90 -1.82 13.14
CA ASN B 162 2.81 -0.43 12.69
C ASN B 162 4.21 -0.02 12.22
N VAL B 163 4.43 -0.07 10.91
CA VAL B 163 5.77 0.09 10.37
C VAL B 163 6.08 1.57 10.17
N ASN B 164 7.37 1.91 10.31
CA ASN B 164 7.81 3.29 10.19
C ASN B 164 9.11 3.45 9.41
N HIS B 165 9.76 2.37 8.98
CA HIS B 165 11.11 2.45 8.45
C HIS B 165 11.24 1.57 7.22
N GLY B 166 11.63 2.16 6.09
CA GLY B 166 11.80 1.41 4.86
C GLY B 166 13.19 0.81 4.79
N VAL B 167 13.26 -0.50 4.52
CA VAL B 167 14.49 -1.28 4.45
C VAL B 167 14.35 -2.29 3.30
N LEU B 168 15.36 -3.15 3.13
CA LEU B 168 15.40 -4.07 2.00
C LEU B 168 15.68 -5.48 2.49
N VAL B 169 14.79 -6.41 2.17
CA VAL B 169 15.04 -7.83 2.47
C VAL B 169 15.87 -8.41 1.34
N VAL B 170 17.09 -8.84 1.66
CA VAL B 170 18.01 -9.40 0.67
C VAL B 170 18.22 -10.90 0.83
N GLY B 171 17.52 -11.53 1.76
CA GLY B 171 17.68 -12.96 1.93
C GLY B 171 16.89 -13.45 3.13
N TYR B 172 17.07 -14.74 3.42
CA TYR B 172 16.44 -15.37 4.57
C TYR B 172 17.23 -16.64 4.88
N GLY B 173 17.05 -17.14 6.10
CA GLY B 173 17.72 -18.37 6.48
C GLY B 173 17.42 -18.78 7.90
N ASP B 174 18.36 -19.50 8.50
N ASP B 174 18.33 -19.54 8.48
CA ASP B 174 18.23 -20.05 9.84
CA ASP B 174 18.20 -19.98 9.87
C ASP B 174 19.59 -19.95 10.52
C ASP B 174 19.57 -19.92 10.51
N LEU B 175 19.62 -19.35 11.71
CA LEU B 175 20.85 -19.22 12.48
C LEU B 175 20.58 -19.81 13.86
N ASN B 176 21.26 -20.91 14.18
CA ASN B 176 21.16 -21.51 15.50
C ASN B 176 19.71 -21.78 15.90
N GLY B 177 18.93 -22.31 14.97
CA GLY B 177 17.55 -22.68 15.23
C GLY B 177 16.55 -21.56 15.14
N LYS B 178 16.97 -20.34 14.80
CA LYS B 178 16.08 -19.20 14.67
C LYS B 178 16.00 -18.80 13.20
N GLU B 179 14.79 -18.84 12.65
CA GLU B 179 14.60 -18.38 11.27
C GLU B 179 14.66 -16.86 11.22
N TYR B 180 15.22 -16.32 10.14
CA TYR B 180 15.38 -14.88 10.04
C TYR B 180 15.21 -14.41 8.60
N TRP B 181 14.91 -13.10 8.50
CA TRP B 181 15.00 -12.32 7.28
C TRP B 181 16.29 -11.52 7.34
N LEU B 182 17.03 -11.49 6.22
CA LEU B 182 18.28 -10.72 6.16
C LEU B 182 17.94 -9.34 5.61
N VAL B 183 18.13 -8.31 6.43
CA VAL B 183 17.65 -6.96 6.14
C VAL B 183 18.83 -6.00 5.98
N LYS B 184 18.88 -5.33 4.83
CA LYS B 184 19.84 -4.25 4.58
C LYS B 184 19.24 -2.94 5.07
N ASN B 185 19.91 -2.29 6.01
CA ASN B 185 19.50 -0.99 6.52
C ASN B 185 20.32 0.09 5.79
N SER B 186 20.00 1.36 6.08
CA SER B 186 20.66 2.51 5.46
C SER B 186 21.20 3.47 6.52
N TRP B 187 21.74 2.92 7.61
CA TRP B 187 22.35 3.69 8.68
C TRP B 187 23.86 3.45 8.75
N GLY B 188 24.47 3.12 7.61
CA GLY B 188 25.90 2.92 7.57
C GLY B 188 26.34 1.58 8.13
N HIS B 189 27.65 1.36 8.08
CA HIS B 189 28.23 0.11 8.54
C HIS B 189 28.30 0.00 10.05
N ASN B 190 28.16 1.11 10.79
CA ASN B 190 28.20 1.01 12.24
C ASN B 190 27.00 0.25 12.78
N PHE B 191 25.88 0.29 12.07
CA PHE B 191 24.66 -0.34 12.56
C PHE B 191 24.75 -1.85 12.39
N GLY B 192 24.36 -2.59 13.43
CA GLY B 192 24.18 -4.02 13.29
C GLY B 192 25.42 -4.74 12.79
N GLU B 193 25.20 -5.67 11.86
CA GLU B 193 26.25 -6.50 11.28
C GLU B 193 26.67 -5.87 9.97
N GLU B 194 27.59 -4.92 10.04
CA GLU B 194 28.07 -4.18 8.87
C GLU B 194 26.91 -3.59 8.07
N GLY B 195 25.89 -3.10 8.79
CA GLY B 195 24.75 -2.43 8.18
C GLY B 195 23.53 -3.29 8.00
N TYR B 196 23.61 -4.57 8.37
CA TYR B 196 22.54 -5.55 8.20
C TYR B 196 21.97 -5.95 9.56
N ILE B 197 20.71 -6.38 9.54
CA ILE B 197 20.07 -6.94 10.73
C ILE B 197 19.32 -8.20 10.32
N ARG B 198 19.50 -9.27 11.08
N ARG B 198 19.50 -9.28 11.06
CA ARG B 198 18.69 -10.47 10.90
CA ARG B 198 18.69 -10.48 10.91
C ARG B 198 17.47 -10.32 11.80
C ARG B 198 17.47 -10.31 11.79
N MET B 199 16.29 -10.33 11.19
CA MET B 199 15.03 -10.11 11.90
C MET B 199 14.19 -11.39 11.92
N ALA B 200 13.53 -11.64 13.04
CA ALA B 200 12.80 -12.91 13.22
C ALA B 200 11.81 -13.15 12.09
N ARG B 201 11.83 -14.39 11.57
CA ARG B 201 10.98 -14.83 10.47
C ARG B 201 10.04 -15.93 10.96
N ASN B 202 8.81 -15.91 10.43
CA ASN B 202 7.77 -16.86 10.83
C ASN B 202 7.44 -16.76 12.32
N LYS B 203 7.54 -15.55 12.87
CA LYS B 203 7.15 -15.27 14.25
C LYS B 203 6.02 -14.24 14.25
N GLY B 204 4.94 -14.53 13.53
CA GLY B 204 3.78 -13.68 13.54
C GLY B 204 3.97 -12.33 12.90
N ASN B 205 4.64 -12.27 11.74
CA ASN B 205 4.87 -11.00 11.05
C ASN B 205 5.56 -10.01 11.99
N HIS B 206 6.69 -10.44 12.53
CA HIS B 206 7.35 -9.70 13.59
C HIS B 206 7.83 -8.35 13.07
N CYS B 207 7.52 -7.29 13.82
CA CYS B 207 7.85 -5.92 13.47
C CYS B 207 7.22 -5.49 12.14
N GLY B 208 6.21 -6.22 11.66
CA GLY B 208 5.56 -5.83 10.43
C GLY B 208 6.36 -6.06 9.17
N ILE B 209 7.37 -6.94 9.23
CA ILE B 209 8.28 -7.07 8.09
C ILE B 209 7.55 -7.47 6.81
N ALA B 210 6.50 -8.29 6.92
CA ALA B 210 5.75 -8.70 5.73
C ALA B 210 4.48 -7.88 5.52
N SER B 211 4.33 -6.78 6.25
CA SER B 211 3.11 -5.99 6.12
C SER B 211 2.97 -5.37 4.74
N PHE B 212 4.02 -4.68 4.26
CA PHE B 212 3.93 -3.91 3.01
C PHE B 212 5.16 -4.13 2.14
N PRO B 213 5.28 -5.33 1.56
CA PRO B 213 6.43 -5.63 0.68
C PRO B 213 6.12 -5.28 -0.76
N SER B 214 7.15 -4.83 -1.47
CA SER B 214 7.01 -4.54 -2.91
C SER B 214 8.34 -4.75 -3.61
N TYR B 215 8.27 -5.03 -4.91
CA TYR B 215 9.49 -5.13 -5.70
C TYR B 215 9.23 -4.63 -7.12
N PRO B 216 10.23 -3.99 -7.74
CA PRO B 216 10.09 -3.51 -9.10
C PRO B 216 10.63 -4.54 -10.09
N GLU B 217 10.32 -4.30 -11.37
CA GLU B 217 10.92 -5.07 -12.45
C GLU B 217 11.34 -4.13 -13.57
N ILE B 218 12.23 -4.64 -14.42
CA ILE B 218 12.77 -3.91 -15.55
C ILE B 218 12.43 -4.68 -16.82
N ALA B 219 12.02 -3.95 -17.85
CA ALA B 219 11.68 -4.58 -19.12
C ALA B 219 12.89 -5.30 -19.71
N ALA B 220 12.63 -6.43 -20.37
CA ALA B 220 13.68 -7.16 -21.05
C ALA B 220 14.25 -6.32 -22.19
N ALA B 221 15.54 -6.54 -22.49
CA ALA B 221 16.23 -5.80 -23.54
C ALA B 221 15.65 -6.09 -24.92
O26 KH0 C . -2.67 8.17 11.23
C24 KH0 C . -3.15 9.07 10.57
O25 KH0 C . -2.94 10.38 10.76
C27 KH0 C . -2.03 10.87 11.81
C31 KH0 C . -0.64 10.39 11.41
C32 KH0 C . -2.11 12.38 11.80
C33 KH0 C . -2.44 10.30 13.15
N23 KH0 C . -4.00 8.90 9.51
C19 KH0 C . -4.47 7.67 9.00
C21 KH0 C . -5.58 7.87 8.05
O22 KH0 C . -6.01 8.98 7.76
C18 KH0 C . -4.01 6.42 9.29
C17 KH0 C . -4.62 5.30 8.69
C16 KH0 C . -5.65 5.46 7.83
N15 KH0 C . -6.12 6.72 7.52
C20 KH0 C . -7.34 6.90 6.72
C22 KH0 C . -7.51 5.86 5.60
C29 KH0 C . -6.46 5.95 4.50
C34 KH0 C . -6.77 5.43 3.14
C30 KH0 C . -6.65 6.89 3.37
C36 KH0 C . -8.53 6.92 7.65
O37 KH0 C . -8.77 5.97 8.40
N38 KH0 C . -9.28 8.03 7.63
C40 KH0 C . -10.46 8.20 8.45
C42 KH0 C . -10.28 9.38 9.40
C45 KH0 C . -9.03 9.32 10.30
C47 KH0 C . -8.79 10.65 11.01
O48 KH0 C . -8.40 11.68 10.47
N49 KH0 C . -9.07 10.49 12.30
C51 KH0 C . -9.62 9.19 12.64
C54 KH0 C . -9.18 8.33 11.45
C57 KH0 C . -11.70 8.34 7.54
O40 KH0 C . -11.39 9.43 6.70
C35 KH0 C . -12.84 8.74 8.46
O41 KH0 C . -13.33 7.92 9.23
N36 KH0 C . -13.24 10.02 8.39
C13 KH0 C . -14.31 10.56 9.24
C14 KH0 C . -13.82 10.93 10.62
C28 KH0 C . -14.48 10.45 11.75
C26 KH0 C . -14.01 10.76 13.02
C25 KH0 C . -12.89 11.55 13.18
C23 KH0 C . -12.23 12.03 12.06
C15 KH0 C . -12.69 11.72 10.79
C1 EDO D . -23.63 0.88 9.37
O1 EDO D . -25.02 1.12 9.51
C2 EDO D . -23.37 -0.29 8.46
O2 EDO D . -22.30 -1.08 8.93
C1 EDO E . -17.87 13.31 9.21
O1 EDO E . -18.38 14.41 9.94
C2 EDO E . -18.02 12.05 10.03
O2 EDO E . -19.36 11.89 10.43
S DMS F . -2.04 5.56 2.39
O DMS F . -2.22 6.05 3.80
C1 DMS F . -0.58 4.51 2.37
C2 DMS F . -3.25 4.23 2.13
S DMS G . -11.68 12.98 6.38
O DMS G . -12.49 12.50 7.56
C1 DMS G . -11.56 14.78 6.49
C2 DMS G . -9.94 12.64 6.67
O26 KH0 H . 1.89 7.00 9.23
C24 KH0 H . 2.52 7.16 8.21
O25 KH0 H . 2.13 7.89 7.15
C27 KH0 H . 0.83 8.60 7.15
C31 KH0 H . -0.27 7.61 7.48
C32 KH0 H . 0.92 9.69 8.21
C33 KH0 H . 0.65 9.18 5.77
N23 KH0 H . 3.76 6.62 7.95
C19 KH0 H . 4.60 6.77 6.82
C21 KH0 H . 5.93 6.16 7.03
O22 KH0 H . 6.22 5.61 8.08
C18 KH0 H . 4.30 7.36 5.63
C17 KH0 H . 5.27 7.42 4.60
C16 KH0 H . 6.47 6.86 4.79
N15 KH0 H . 6.81 6.24 5.97
C20 KH0 H . 8.12 5.60 6.13
C22 KH0 H . 8.38 4.52 5.07
C29 KH0 H . 7.34 3.40 5.06
C34 KH0 H . 7.75 2.02 4.66
C30 KH0 H . 7.42 2.31 6.08
C36 KH0 H . 9.27 6.59 6.19
O37 KH0 H . 9.39 7.48 5.35
N38 KH0 H . 10.15 6.38 7.18
C40 KH0 H . 11.34 7.19 7.36
C42 KH0 H . 11.23 8.01 8.64
C45 KH0 H . 10.16 9.11 8.56
C47 KH0 H . 9.80 9.66 9.94
O48 KH0 H . 9.57 8.98 10.94
N49 KH0 H . 9.77 10.99 9.87
C51 KH0 H . 9.98 11.53 8.53
C54 KH0 H . 10.65 10.37 7.81
C57 KH0 H . 12.59 6.26 7.37
O40 KH0 H . 12.39 5.33 8.41
C35 KH0 H . 13.77 7.15 7.72
O41 KH0 H . 14.26 7.87 6.86
N36 KH0 H . 14.21 7.09 8.98
C13 KH0 H . 15.20 8.00 9.51
C14 KH0 H . 14.54 9.24 10.07
C28 KH0 H . 14.82 10.50 9.56
C26 KH0 H . 14.15 11.62 10.03
C25 KH0 H . 13.19 11.49 11.00
C23 KH0 H . 12.91 10.26 11.53
C15 KH0 H . 13.58 9.13 11.06
C1 EDO I . 3.00 2.96 5.42
O1 EDO I . 2.33 3.00 6.66
C2 EDO I . 2.53 1.77 4.62
O2 EDO I . 1.26 2.06 4.05
C1 CIT J . 32.68 5.27 6.47
O1 CIT J . 32.79 4.04 6.68
O2 CIT J . 33.57 6.12 6.70
C2 CIT J . 31.35 5.78 5.86
C3 CIT J . 30.32 4.68 5.54
O7 CIT J . 31.01 3.60 4.95
C4 CIT J . 29.23 5.17 4.56
C5 CIT J . 28.33 4.04 4.07
O3 CIT J . 28.41 3.69 2.88
O4 CIT J . 27.55 3.51 4.91
C6 CIT J . 29.64 4.28 6.88
O5 CIT J . 29.04 5.16 7.54
O6 CIT J . 29.73 3.08 7.21
C1 EDO K . 19.19 -24.50 -0.15
O1 EDO K . 19.25 -23.27 0.53
C2 EDO K . 18.36 -25.45 0.66
O2 EDO K . 17.18 -25.78 -0.06
H11 EDO K . 18.82 -24.40 -1.03
H12 EDO K . 20.09 -24.88 -0.28
HO1 EDO K . 19.50 -23.43 1.33
H21 EDO K . 18.90 -26.24 0.84
H22 EDO K . 18.17 -25.04 1.51
HO2 EDO K . 17.40 -26.15 -0.79
#